data_8TKM
#
_entry.id   8TKM
#
_cell.length_a   162.172
_cell.length_b   162.172
_cell.length_c   60.384
_cell.angle_alpha   90.000
_cell.angle_beta   90.000
_cell.angle_gamma   120.000
#
_symmetry.space_group_name_H-M   'P 65'
#
loop_
_entity.id
_entity.type
_entity.pdbx_description
1 polymer 'Nuclear factor NF-kappa-B p50 subunit'
2 polymer '17-mer kappaB DNA'
3 polymer '17-mer kappaB DNA'
4 water water
#
loop_
_entity_poly.entity_id
_entity_poly.type
_entity_poly.pdbx_seq_one_letter_code
_entity_poly.pdbx_strand_id
1 'polypeptide(L)'
;GPYLQILEQPKQRGFRFRYVCEGPSHGGLPGASSEKNKKSYPQVKICNYVGPAKVIVQLVTNGKNIHLHAHSLVGKHCED
GVCTVTAGPKDMVVGFANLGILHVTKKKVFETLEARMTEACIRGYNPGLLVHSDLAYLQAEGGGDRQLTDREKEIIRQAA
VQQTKEMDLSVVRLMFTAFLPDSTGSFTRRLEPVVSDAIYDSKAPNASNLKIVRMDRTAGCVTGGEEIYLLCDKVQKDDI
QIRFYEEEENGGVWEGFGDFSPTDVHRQFAIVFKTPKYKDVNITKPASVFVQLRRKSDLETSEPKPFLYYPE
;
A,B
2 'polydeoxyribonucleotide' (DT)(DG)(DT)(DG)(DG)(DG)(DA)(DT)(DT)(DT)(DT)(DC)(DC)(DC)(DA)(DT)(DG) C
3 'polydeoxyribonucleotide' (DC)(DA)(DT)(DG)(DG)(DG)(DA)(DA)(DA)(DA)(DT)(DC)(DC)(DC)(DA)(DC)(DA) D
#
loop_
_chem_comp.id
_chem_comp.type
_chem_comp.name
_chem_comp.formula
DA DNA linking 2'-DEOXYADENOSINE-5'-MONOPHOSPHATE 'C10 H14 N5 O6 P'
DC DNA linking 2'-DEOXYCYTIDINE-5'-MONOPHOSPHATE 'C9 H14 N3 O7 P'
DG DNA linking 2'-DEOXYGUANOSINE-5'-MONOPHOSPHATE 'C10 H14 N5 O7 P'
DT DNA linking THYMIDINE-5'-MONOPHOSPHATE 'C10 H15 N2 O8 P'
#
# COMPACT_ATOMS: atom_id res chain seq x y z
N GLY A 1 46.07 -10.78 20.66
CA GLY A 1 45.13 -10.84 21.75
C GLY A 1 43.84 -11.55 21.41
N PRO A 2 42.97 -11.72 22.40
CA PRO A 2 41.67 -12.35 22.13
C PRO A 2 40.80 -11.46 21.26
N TYR A 3 39.92 -12.10 20.49
CA TYR A 3 39.10 -11.39 19.51
C TYR A 3 37.74 -12.06 19.41
N LEU A 4 36.87 -11.46 18.60
CA LEU A 4 35.51 -11.93 18.40
C LEU A 4 35.34 -12.43 16.97
N GLN A 5 34.68 -13.56 16.81
CA GLN A 5 34.49 -14.20 15.51
C GLN A 5 33.00 -14.39 15.25
N ILE A 6 32.59 -14.11 14.01
CA ILE A 6 31.22 -14.34 13.57
C ILE A 6 31.17 -15.74 12.97
N LEU A 7 30.57 -16.69 13.72
CA LEU A 7 30.47 -18.05 13.22
C LEU A 7 29.43 -18.17 12.11
N GLU A 8 28.27 -17.55 12.30
CA GLU A 8 27.24 -17.54 11.28
C GLU A 8 26.60 -16.16 11.19
N GLN A 9 26.62 -15.62 9.97
CA GLN A 9 26.01 -14.32 9.68
C GLN A 9 24.49 -14.41 9.74
N PRO A 10 23.82 -13.28 9.93
CA PRO A 10 22.36 -13.27 9.79
C PRO A 10 21.95 -13.36 8.33
N LYS A 11 20.72 -13.82 8.12
CA LYS A 11 20.19 -13.92 6.76
C LYS A 11 20.09 -12.54 6.13
N GLN A 12 20.64 -12.39 4.93
CA GLN A 12 20.76 -11.08 4.31
C GLN A 12 19.39 -10.58 3.83
N ARG A 13 18.62 -11.45 3.20
CA ARG A 13 17.34 -11.09 2.62
C ARG A 13 16.26 -12.03 3.14
N GLY A 14 15.01 -11.57 3.10
CA GLY A 14 13.85 -12.38 3.39
C GLY A 14 13.19 -12.10 4.71
N PHE A 15 13.89 -11.48 5.66
CA PHE A 15 13.32 -11.18 6.96
C PHE A 15 12.59 -9.84 6.91
N ARG A 16 11.38 -9.82 7.44
CA ARG A 16 10.51 -8.65 7.40
C ARG A 16 10.60 -7.90 8.73
N PHE A 17 11.04 -6.64 8.67
CA PHE A 17 11.01 -5.80 9.86
C PHE A 17 9.56 -5.56 10.26
N ARG A 18 9.36 -5.27 11.55
CA ARG A 18 8.01 -5.09 12.08
C ARG A 18 7.93 -3.76 12.82
N TYR A 19 6.87 -3.01 12.56
CA TYR A 19 6.60 -1.80 13.32
C TYR A 19 6.04 -2.16 14.69
N VAL A 20 6.04 -1.18 15.59
CA VAL A 20 5.48 -1.37 16.93
C VAL A 20 4.03 -1.82 16.81
N CYS A 21 3.27 -1.21 15.90
CA CYS A 21 1.85 -1.49 15.78
C CYS A 21 1.57 -2.93 15.38
N GLU A 22 2.52 -3.60 14.74
CA GLU A 22 2.28 -4.96 14.26
C GLU A 22 2.40 -6.01 15.36
N GLY A 23 2.79 -5.63 16.56
CA GLY A 23 2.90 -6.57 17.66
C GLY A 23 4.11 -7.47 17.53
N PRO A 24 4.39 -8.26 18.58
CA PRO A 24 5.57 -9.12 18.56
C PRO A 24 5.28 -10.51 18.01
N SER A 25 6.25 -11.42 18.17
CA SER A 25 6.08 -12.84 17.86
C SER A 25 5.70 -13.08 16.40
N HIS A 26 6.18 -12.22 15.50
CA HIS A 26 5.98 -12.43 14.07
C HIS A 26 7.10 -13.23 13.44
N GLY A 27 8.00 -13.79 14.25
CA GLY A 27 9.13 -14.53 13.73
C GLY A 27 10.46 -13.93 14.16
N GLY A 28 11.49 -14.75 14.26
CA GLY A 28 12.81 -14.31 14.67
C GLY A 28 13.75 -14.20 13.49
N LEU A 29 14.74 -13.32 13.63
CA LEU A 29 15.78 -13.15 12.62
C LEU A 29 16.59 -14.43 12.49
N PRO A 30 16.62 -15.06 11.32
CA PRO A 30 17.39 -16.30 11.16
C PRO A 30 18.81 -16.04 10.67
N GLY A 31 19.65 -17.06 10.85
CA GLY A 31 20.98 -17.03 10.31
C GLY A 31 21.00 -17.33 8.82
N ALA A 32 22.18 -17.18 8.22
CA ALA A 32 22.31 -17.32 6.78
C ALA A 32 21.98 -18.74 6.32
N SER A 33 22.38 -19.75 7.10
CA SER A 33 22.22 -21.14 6.72
C SER A 33 20.93 -21.76 7.26
N SER A 34 19.99 -20.94 7.74
CA SER A 34 18.75 -21.47 8.28
C SER A 34 17.82 -21.97 7.17
N GLU A 35 17.08 -23.03 7.48
CA GLU A 35 16.11 -23.60 6.54
C GLU A 35 14.87 -24.01 7.31
N LYS A 36 13.94 -24.66 6.60
CA LYS A 36 12.70 -25.11 7.22
C LYS A 36 12.98 -26.07 8.37
N ASN A 37 13.56 -27.23 8.05
CA ASN A 37 14.02 -28.15 9.07
C ASN A 37 15.38 -27.68 9.59
N LYS A 38 15.58 -27.84 10.91
CA LYS A 38 16.78 -27.37 11.58
C LYS A 38 16.96 -25.86 11.42
N LYS A 39 16.48 -25.10 12.40
CA LYS A 39 16.64 -23.65 12.35
C LYS A 39 18.07 -23.27 12.70
N SER A 40 18.48 -22.09 12.24
CA SER A 40 19.80 -21.55 12.57
C SER A 40 19.67 -20.06 12.82
N TYR A 41 20.60 -19.52 13.60
CA TYR A 41 20.53 -18.14 14.02
C TYR A 41 21.91 -17.50 13.91
N PRO A 42 22.03 -16.17 14.00
CA PRO A 42 23.36 -15.55 14.06
C PRO A 42 24.17 -16.12 15.22
N GLN A 43 25.44 -16.42 14.96
CA GLN A 43 26.30 -17.05 15.95
C GLN A 43 27.65 -16.37 15.95
N VAL A 44 28.11 -15.97 17.13
CA VAL A 44 29.45 -15.43 17.34
C VAL A 44 30.21 -16.34 18.31
N LYS A 45 31.52 -16.15 18.35
CA LYS A 45 32.39 -16.94 19.22
C LYS A 45 33.57 -16.09 19.65
N ILE A 46 33.91 -16.17 20.93
CA ILE A 46 35.10 -15.50 21.46
C ILE A 46 36.28 -16.45 21.35
N CYS A 47 37.35 -16.00 20.73
CA CYS A 47 38.53 -16.82 20.51
C CYS A 47 39.72 -16.29 21.30
N ASN A 48 40.65 -17.20 21.59
CA ASN A 48 41.86 -16.89 22.37
C ASN A 48 41.49 -16.39 23.78
N TYR A 49 40.40 -16.94 24.33
CA TYR A 49 39.96 -16.65 25.69
C TYR A 49 38.84 -17.60 26.10
N VAL A 50 38.97 -18.22 27.27
CA VAL A 50 37.93 -19.07 27.83
C VAL A 50 37.61 -18.58 29.23
N GLY A 51 36.35 -18.24 29.46
CA GLY A 51 35.91 -17.73 30.73
C GLY A 51 34.62 -16.94 30.60
N PRO A 52 34.31 -16.11 31.60
CA PRO A 52 33.10 -15.30 31.52
C PRO A 52 33.32 -14.03 30.72
N ALA A 53 32.30 -13.66 29.95
CA ALA A 53 32.31 -12.42 29.18
C ALA A 53 30.87 -12.02 28.90
N LYS A 54 30.70 -10.79 28.42
CA LYS A 54 29.38 -10.34 28.01
C LYS A 54 29.44 -9.81 26.58
N VAL A 55 28.42 -10.13 25.79
CA VAL A 55 28.36 -9.73 24.39
C VAL A 55 27.13 -8.86 24.19
N ILE A 56 27.32 -7.71 23.54
CA ILE A 56 26.22 -6.83 23.20
C ILE A 56 26.08 -6.79 21.68
N VAL A 57 24.84 -6.64 21.23
CA VAL A 57 24.48 -6.55 19.82
C VAL A 57 23.76 -5.24 19.61
N GLN A 58 24.27 -4.41 18.71
CA GLN A 58 23.71 -3.12 18.37
C GLN A 58 23.31 -3.11 16.89
N LEU A 59 22.32 -2.28 16.57
CA LEU A 59 21.90 -2.05 15.19
C LEU A 59 22.64 -0.83 14.64
N VAL A 60 23.44 -1.04 13.60
CA VAL A 60 24.24 0.01 13.01
C VAL A 60 23.83 0.19 11.56
N THR A 61 24.29 1.29 10.96
CA THR A 61 23.91 1.64 9.60
C THR A 61 24.81 0.96 8.58
N ASN A 62 24.42 1.09 7.30
CA ASN A 62 25.13 0.46 6.20
C ASN A 62 25.78 1.48 5.26
N GLY A 63 26.07 2.68 5.76
CA GLY A 63 26.65 3.73 4.95
C GLY A 63 28.17 3.70 4.96
N LYS A 64 28.75 4.80 4.48
CA LYS A 64 30.20 4.93 4.49
C LYS A 64 30.72 4.99 5.93
N ASN A 65 30.13 5.84 6.76
CA ASN A 65 30.50 5.95 8.16
C ASN A 65 29.47 5.22 9.00
N ILE A 66 29.94 4.24 9.77
CA ILE A 66 29.04 3.41 10.56
C ILE A 66 28.50 4.22 11.74
N HIS A 67 27.18 4.18 11.94
CA HIS A 67 26.52 4.92 13.00
C HIS A 67 25.44 4.05 13.61
N LEU A 68 24.87 4.52 14.72
CA LEU A 68 23.73 3.84 15.33
C LEU A 68 22.52 3.93 14.41
N HIS A 69 21.71 2.88 14.43
CA HIS A 69 20.48 2.84 13.65
C HIS A 69 19.29 3.07 14.58
N ALA A 70 18.24 3.69 14.04
CA ALA A 70 17.05 3.98 14.84
C ALA A 70 16.16 2.77 15.05
N HIS A 71 16.22 1.79 14.16
CA HIS A 71 15.53 0.52 14.39
C HIS A 71 16.05 -0.13 15.66
N SER A 72 15.19 -0.91 16.31
CA SER A 72 15.55 -1.50 17.60
C SER A 72 15.61 -3.02 17.50
N LEU A 73 16.38 -3.62 18.40
CA LEU A 73 16.37 -5.07 18.57
C LEU A 73 15.39 -5.42 19.68
N VAL A 74 14.51 -6.38 19.43
CA VAL A 74 13.53 -6.82 20.41
C VAL A 74 13.60 -8.34 20.52
N GLY A 75 13.14 -8.84 21.66
CA GLY A 75 13.11 -10.28 21.87
C GLY A 75 14.05 -10.76 22.95
N LYS A 76 14.61 -11.96 22.77
CA LYS A 76 15.38 -12.62 23.81
C LYS A 76 16.56 -11.77 24.25
N HIS A 77 16.58 -11.42 25.55
CA HIS A 77 17.68 -10.68 26.15
C HIS A 77 17.89 -9.33 25.48
N CYS A 78 16.79 -8.62 25.22
CA CYS A 78 16.81 -7.32 24.59
C CYS A 78 16.22 -6.27 25.51
N GLU A 79 16.78 -5.07 25.46
CA GLU A 79 16.28 -3.93 26.22
C GLU A 79 16.85 -2.67 25.59
N ASP A 80 16.00 -1.65 25.44
CA ASP A 80 16.40 -0.36 24.88
C ASP A 80 17.06 -0.51 23.50
N GLY A 81 16.62 -1.52 22.75
CA GLY A 81 17.11 -1.74 21.40
C GLY A 81 18.41 -2.52 21.30
N VAL A 82 19.11 -2.75 22.41
CA VAL A 82 20.36 -3.48 22.41
C VAL A 82 20.13 -4.87 22.96
N CYS A 83 20.86 -5.86 22.45
CA CYS A 83 20.78 -7.21 22.97
C CYS A 83 22.01 -7.51 23.82
N THR A 84 21.79 -8.05 25.01
CA THR A 84 22.88 -8.29 25.96
C THR A 84 22.81 -9.73 26.45
N VAL A 85 23.84 -10.52 26.15
CA VAL A 85 23.92 -11.91 26.58
C VAL A 85 25.24 -12.13 27.30
N THR A 86 25.29 -13.24 28.03
CA THR A 86 26.53 -13.71 28.65
C THR A 86 27.14 -14.80 27.80
N ALA A 87 28.46 -14.95 27.92
CA ALA A 87 29.23 -15.94 27.19
C ALA A 87 30.16 -16.66 28.15
N GLY A 88 30.13 -17.99 28.12
CA GLY A 88 30.97 -18.78 28.98
C GLY A 88 30.22 -19.34 30.17
N PRO A 89 30.95 -19.77 31.19
CA PRO A 89 32.42 -19.71 31.33
C PRO A 89 33.15 -20.81 30.58
N LYS A 90 32.44 -21.78 30.01
CA LYS A 90 33.07 -22.89 29.30
C LYS A 90 32.90 -22.76 27.79
N ASP A 91 31.67 -22.74 27.30
CA ASP A 91 31.40 -22.59 25.88
C ASP A 91 31.52 -21.12 25.49
N MET A 92 32.41 -20.83 24.53
CA MET A 92 32.66 -19.48 24.06
C MET A 92 31.82 -19.12 22.84
N VAL A 93 30.78 -19.88 22.53
CA VAL A 93 29.93 -19.65 21.37
C VAL A 93 28.56 -19.18 21.86
N VAL A 94 28.07 -18.09 21.27
CA VAL A 94 26.76 -17.53 21.61
C VAL A 94 25.96 -17.36 20.32
N GLY A 95 24.76 -17.93 20.31
CA GLY A 95 23.81 -17.72 19.24
C GLY A 95 22.71 -16.78 19.71
N PHE A 96 22.09 -16.08 18.77
CA PHE A 96 21.04 -15.12 19.06
C PHE A 96 19.77 -15.52 18.31
N ALA A 97 18.83 -16.11 19.04
CA ALA A 97 17.54 -16.52 18.49
C ALA A 97 16.43 -15.63 19.05
N ASN A 98 15.28 -15.66 18.36
CA ASN A 98 14.10 -14.90 18.74
C ASN A 98 14.40 -13.40 18.76
N LEU A 99 15.16 -12.93 17.77
CA LEU A 99 15.45 -11.52 17.59
C LEU A 99 14.50 -10.92 16.55
N GLY A 100 14.04 -9.71 16.83
CA GLY A 100 13.21 -8.99 15.89
C GLY A 100 13.75 -7.60 15.68
N ILE A 101 13.59 -7.12 14.45
CA ILE A 101 14.07 -5.80 14.05
C ILE A 101 12.86 -4.87 14.02
N LEU A 102 12.66 -4.14 15.12
CA LEU A 102 11.58 -3.17 15.23
C LEU A 102 11.86 -1.99 14.31
N HIS A 103 10.90 -1.72 13.42
CA HIS A 103 11.01 -0.68 12.39
C HIS A 103 10.40 0.60 12.94
N VAL A 104 11.28 1.56 13.28
CA VAL A 104 10.81 2.87 13.69
C VAL A 104 10.11 3.55 12.51
N THR A 105 9.18 4.44 12.82
CA THR A 105 8.58 5.28 11.80
C THR A 105 9.46 6.48 11.52
N LYS A 106 9.27 7.09 10.34
CA LYS A 106 10.07 8.24 9.95
C LYS A 106 9.87 9.40 10.92
N LYS A 107 8.66 9.54 11.48
CA LYS A 107 8.37 10.64 12.38
C LYS A 107 9.18 10.55 13.67
N LYS A 108 9.46 9.33 14.14
CA LYS A 108 10.11 9.12 15.43
C LYS A 108 11.57 8.70 15.29
N VAL A 109 12.19 8.95 14.14
CA VAL A 109 13.60 8.61 13.95
C VAL A 109 14.45 9.45 14.90
N PHE A 110 14.48 10.76 14.66
CA PHE A 110 15.35 11.68 15.38
C PHE A 110 15.38 11.37 16.87
N GLU A 111 14.24 11.58 17.56
CA GLU A 111 14.19 11.35 18.99
C GLU A 111 14.79 9.99 19.34
N THR A 112 14.30 8.91 18.70
CA THR A 112 14.84 7.58 18.98
C THR A 112 16.35 7.58 18.86
N LEU A 113 16.86 7.99 17.70
CA LEU A 113 18.31 8.03 17.50
C LEU A 113 18.98 8.77 18.65
N GLU A 114 18.51 9.98 18.97
CA GLU A 114 19.11 10.74 20.05
C GLU A 114 19.19 9.88 21.32
N ALA A 115 18.04 9.34 21.74
CA ALA A 115 18.02 8.48 22.92
C ALA A 115 19.09 7.40 22.82
N ARG A 116 19.10 6.66 21.71
CA ARG A 116 20.08 5.61 21.53
C ARG A 116 21.49 6.16 21.74
N MET A 117 21.83 7.25 21.03
CA MET A 117 23.14 7.87 21.21
C MET A 117 23.43 8.09 22.69
N THR A 118 22.49 8.75 23.38
CA THR A 118 22.67 9.01 24.80
C THR A 118 23.01 7.72 25.54
N GLU A 119 22.19 6.68 25.37
CA GLU A 119 22.45 5.42 26.06
C GLU A 119 23.83 4.88 25.69
N ALA A 120 24.18 4.91 24.41
CA ALA A 120 25.49 4.40 23.99
C ALA A 120 26.61 5.15 24.68
N CYS A 121 26.41 6.45 24.94
CA CYS A 121 27.44 7.22 25.64
C CYS A 121 27.49 6.87 27.12
N ILE A 122 26.34 6.60 27.73
CA ILE A 122 26.32 6.38 29.17
C ILE A 122 26.82 4.99 29.52
N ARG A 123 26.43 3.98 28.74
CA ARG A 123 26.86 2.61 28.97
C ARG A 123 28.18 2.28 28.28
N GLY A 124 28.74 3.20 27.51
CA GLY A 124 29.98 2.94 26.81
C GLY A 124 29.85 1.92 25.70
N TYR A 125 28.71 1.91 24.99
CA TYR A 125 28.48 0.98 23.90
C TYR A 125 29.00 1.58 22.58
N ASN A 126 30.32 1.80 22.56
CA ASN A 126 31.08 2.30 21.43
C ASN A 126 30.62 3.69 20.99
N PRO A 127 30.65 4.69 21.87
CA PRO A 127 30.21 6.03 21.42
C PRO A 127 31.17 6.68 20.45
N GLY A 128 32.48 6.46 20.61
CA GLY A 128 33.43 7.02 19.67
C GLY A 128 33.30 6.43 18.27
N LEU A 129 33.04 5.13 18.19
CA LEU A 129 32.94 4.48 16.90
C LEU A 129 31.63 4.83 16.20
N LEU A 130 30.54 4.94 16.95
CA LEU A 130 29.20 4.98 16.39
C LEU A 130 28.51 6.34 16.48
N VAL A 131 28.81 7.15 17.50
CA VAL A 131 28.11 8.41 17.67
C VAL A 131 28.96 9.57 17.14
N HIS A 132 30.14 9.76 17.73
CA HIS A 132 31.00 10.86 17.35
C HIS A 132 32.41 10.56 17.86
N SER A 133 33.40 11.01 17.10
CA SER A 133 34.79 10.62 17.37
C SER A 133 35.25 11.12 18.74
N ASP A 134 35.04 12.41 19.02
CA ASP A 134 35.54 12.99 20.26
C ASP A 134 34.91 12.36 21.50
N LEU A 135 33.81 11.62 21.34
CA LEU A 135 33.19 10.91 22.44
C LEU A 135 33.86 9.57 22.75
N ALA A 136 35.04 9.31 22.17
CA ALA A 136 35.72 8.04 22.36
C ALA A 136 36.14 7.81 23.81
N TYR A 137 36.36 8.87 24.58
CA TYR A 137 36.79 8.72 25.97
C TYR A 137 35.69 8.17 26.88
N LEU A 138 34.44 8.17 26.43
CA LEU A 138 33.33 7.65 27.23
C LEU A 138 33.26 6.13 27.15
N GLN A 139 34.37 5.49 27.51
CA GLN A 139 34.44 4.04 27.59
C GLN A 139 33.71 3.54 28.83
N ALA A 140 33.25 2.29 28.76
CA ALA A 140 32.50 1.67 29.84
C ALA A 140 33.27 1.77 31.16
N GLU A 141 32.79 2.61 32.08
CA GLU A 141 33.53 2.92 33.29
C GLU A 141 32.77 2.65 34.59
N GLY A 142 31.49 2.36 34.54
CA GLY A 142 30.75 2.03 35.75
C GLY A 142 29.28 2.36 35.64
N GLY A 143 28.47 1.57 36.35
CA GLY A 143 27.02 1.74 36.32
C GLY A 143 26.55 2.99 37.04
N GLY A 144 26.90 4.16 36.52
CA GLY A 144 26.53 5.41 37.16
C GLY A 144 27.65 6.42 37.18
N ASP A 145 28.88 5.97 36.98
CA ASP A 145 30.04 6.86 36.86
C ASP A 145 29.91 7.84 35.72
N ARG A 146 28.83 7.84 34.95
CA ARG A 146 28.68 8.71 33.79
C ARG A 146 27.34 9.41 33.85
N GLN A 147 27.36 10.72 34.05
CA GLN A 147 26.24 11.59 33.74
C GLN A 147 26.69 12.54 32.64
N LEU A 148 25.93 12.60 31.55
CA LEU A 148 26.39 13.37 30.40
C LEU A 148 26.41 14.86 30.71
N THR A 149 27.42 15.55 30.20
CA THR A 149 27.54 16.99 30.34
C THR A 149 26.83 17.68 29.17
N ASP A 150 26.73 19.01 29.27
CA ASP A 150 25.93 19.76 28.30
C ASP A 150 26.57 19.76 26.92
N ARG A 151 27.89 19.93 26.85
CA ARG A 151 28.57 19.92 25.56
C ARG A 151 28.42 18.56 24.88
N GLU A 152 28.52 17.48 25.65
CA GLU A 152 28.29 16.15 25.09
C GLU A 152 26.87 16.01 24.57
N LYS A 153 25.89 16.53 25.31
CA LYS A 153 24.50 16.45 24.86
C LYS A 153 24.30 17.23 23.57
N GLU A 154 24.96 18.39 23.43
CA GLU A 154 24.83 19.16 22.20
C GLU A 154 25.49 18.44 21.03
N ILE A 155 26.65 17.82 21.26
CA ILE A 155 27.28 17.01 20.22
C ILE A 155 26.33 15.90 19.77
N ILE A 156 25.70 15.23 20.74
CA ILE A 156 24.76 14.15 20.42
C ILE A 156 23.59 14.68 19.61
N ARG A 157 23.06 15.84 19.99
CA ARG A 157 21.91 16.39 19.28
C ARG A 157 22.25 16.74 17.84
N GLN A 158 23.43 17.35 17.63
CA GLN A 158 23.83 17.70 16.27
C GLN A 158 24.10 16.45 15.43
N ALA A 159 24.73 15.43 16.03
CA ALA A 159 24.94 14.18 15.31
C ALA A 159 23.61 13.54 14.93
N ALA A 160 22.62 13.60 15.83
CA ALA A 160 21.31 13.04 15.52
C ALA A 160 20.62 13.81 14.40
N VAL A 161 20.72 15.14 14.42
CA VAL A 161 20.17 15.95 13.34
C VAL A 161 20.79 15.55 12.01
N GLN A 162 22.11 15.42 11.97
CA GLN A 162 22.77 15.13 10.70
C GLN A 162 22.50 13.70 10.23
N GLN A 163 22.41 12.74 11.17
CA GLN A 163 22.25 11.34 10.79
C GLN A 163 20.80 10.96 10.50
N THR A 164 19.83 11.73 11.00
CA THR A 164 18.45 11.50 10.61
C THR A 164 18.26 11.75 9.11
N LYS A 165 19.00 12.72 8.56
CA LYS A 165 18.90 13.06 7.15
C LYS A 165 19.53 12.02 6.24
N GLU A 166 20.29 11.07 6.78
CA GLU A 166 21.02 10.10 5.97
C GLU A 166 20.53 8.67 6.13
N MET A 167 19.71 8.38 7.15
CA MET A 167 19.47 7.01 7.55
C MET A 167 18.52 6.30 6.59
N ASP A 168 18.98 5.17 6.05
CA ASP A 168 18.15 4.27 5.26
C ASP A 168 17.48 3.29 6.21
N LEU A 169 16.15 3.33 6.25
CA LEU A 169 15.36 2.49 7.15
C LEU A 169 15.07 1.10 6.58
N SER A 170 15.61 0.79 5.40
CA SER A 170 15.40 -0.49 4.75
C SER A 170 16.51 -1.49 5.02
N VAL A 171 17.58 -1.08 5.70
CA VAL A 171 18.73 -1.96 5.91
C VAL A 171 19.40 -1.60 7.22
N VAL A 172 19.83 -2.61 7.96
CA VAL A 172 20.61 -2.45 9.17
C VAL A 172 21.81 -3.41 9.13
N ARG A 173 22.63 -3.36 10.16
CA ARG A 173 23.69 -4.32 10.36
C ARG A 173 23.80 -4.63 11.85
N LEU A 174 24.27 -5.82 12.17
CA LEU A 174 24.52 -6.20 13.55
C LEU A 174 25.98 -5.93 13.88
N MET A 175 26.22 -5.22 14.98
CA MET A 175 27.57 -5.04 15.52
C MET A 175 27.63 -5.76 16.86
N PHE A 176 28.52 -6.75 16.96
CA PHE A 176 28.75 -7.50 18.17
C PHE A 176 29.98 -6.97 18.88
N THR A 177 29.86 -6.73 20.18
CA THR A 177 30.99 -6.27 20.99
C THR A 177 31.13 -7.16 22.21
N ALA A 178 32.34 -7.65 22.44
CA ALA A 178 32.63 -8.50 23.58
C ALA A 178 33.33 -7.70 24.67
N PHE A 179 33.00 -8.01 25.93
CA PHE A 179 33.57 -7.37 27.09
C PHE A 179 34.05 -8.46 28.05
N LEU A 180 35.30 -8.37 28.44
CA LEU A 180 35.97 -9.30 29.34
C LEU A 180 36.21 -8.65 30.70
N PRO A 181 36.40 -9.45 31.75
CA PRO A 181 36.67 -8.88 33.07
C PRO A 181 37.97 -8.10 33.09
N ASP A 182 38.15 -7.33 34.16
CA ASP A 182 39.22 -6.35 34.29
C ASP A 182 40.02 -6.53 35.57
N SER A 183 40.18 -7.78 36.02
CA SER A 183 40.80 -8.09 37.31
C SER A 183 40.10 -7.35 38.46
N THR A 184 38.79 -7.14 38.32
CA THR A 184 37.98 -6.47 39.32
C THR A 184 36.59 -7.07 39.49
N GLY A 185 35.99 -7.65 38.45
CA GLY A 185 34.66 -8.22 38.55
C GLY A 185 33.77 -7.79 37.41
N SER A 186 33.82 -6.49 37.07
CA SER A 186 33.04 -5.96 35.97
C SER A 186 33.67 -6.35 34.63
N PHE A 187 32.87 -6.25 33.58
CA PHE A 187 33.30 -6.62 32.22
C PHE A 187 33.56 -5.32 31.46
N THR A 188 34.80 -4.84 31.52
CA THR A 188 35.19 -3.60 30.86
C THR A 188 36.19 -3.78 29.73
N ARG A 189 37.06 -4.79 29.79
CA ARG A 189 38.04 -4.97 28.72
C ARG A 189 37.33 -5.21 27.39
N ARG A 190 37.28 -4.18 26.56
CA ARG A 190 36.49 -4.24 25.33
C ARG A 190 37.30 -4.89 24.22
N LEU A 191 36.84 -6.05 23.75
CA LEU A 191 37.38 -6.63 22.54
C LEU A 191 36.83 -5.89 21.33
N GLU A 192 37.62 -5.87 20.25
CA GLU A 192 37.26 -5.10 19.08
C GLU A 192 35.91 -5.56 18.53
N PRO A 193 34.99 -4.63 18.24
CA PRO A 193 33.68 -5.04 17.70
C PRO A 193 33.83 -5.64 16.32
N VAL A 194 32.83 -6.44 15.94
CA VAL A 194 32.74 -7.03 14.61
C VAL A 194 31.37 -6.70 14.04
N VAL A 195 31.33 -6.21 12.80
CA VAL A 195 30.10 -5.87 12.12
C VAL A 195 29.69 -7.03 11.24
N SER A 196 28.39 -7.32 11.22
CA SER A 196 27.87 -8.41 10.41
C SER A 196 27.58 -7.92 8.99
N ASP A 197 27.13 -8.84 8.15
CA ASP A 197 26.62 -8.47 6.83
C ASP A 197 25.34 -7.66 6.99
N ALA A 198 24.94 -7.01 5.90
CA ALA A 198 23.74 -6.18 5.93
C ALA A 198 22.49 -7.03 5.99
N ILE A 199 21.46 -6.51 6.64
CA ILE A 199 20.16 -7.14 6.77
C ILE A 199 19.13 -6.21 6.15
N TYR A 200 18.40 -6.71 5.15
CA TYR A 200 17.48 -5.89 4.38
C TYR A 200 16.04 -6.22 4.74
N ASP A 201 15.21 -5.18 4.81
CA ASP A 201 13.80 -5.34 5.12
C ASP A 201 13.08 -5.92 3.90
N SER A 202 12.57 -7.15 4.04
CA SER A 202 11.91 -7.79 2.92
C SER A 202 10.61 -7.09 2.54
N LYS A 203 10.07 -6.25 3.41
CA LYS A 203 8.87 -5.49 3.07
C LYS A 203 9.19 -4.24 2.25
N ALA A 204 10.42 -3.74 2.30
CA ALA A 204 10.77 -2.57 1.54
C ALA A 204 10.85 -2.90 0.05
N PRO A 205 10.35 -2.02 -0.83
CA PRO A 205 10.34 -2.35 -2.26
C PRO A 205 11.73 -2.58 -2.84
N ASN A 206 12.72 -1.83 -2.39
CA ASN A 206 14.07 -1.93 -2.91
C ASN A 206 14.82 -3.16 -2.41
N ALA A 207 14.22 -3.95 -1.52
CA ALA A 207 14.86 -5.15 -1.00
C ALA A 207 13.91 -6.33 -0.91
N SER A 208 12.72 -6.23 -1.51
CA SER A 208 11.75 -7.32 -1.46
C SER A 208 12.31 -8.57 -2.14
N ASN A 209 11.73 -9.72 -1.78
CA ASN A 209 12.17 -11.00 -2.33
C ASN A 209 11.89 -11.03 -3.83
N LEU A 210 12.94 -11.01 -4.64
CA LEU A 210 12.80 -11.16 -6.08
C LEU A 210 12.39 -12.59 -6.40
N LYS A 211 11.24 -12.75 -7.05
CA LYS A 211 10.76 -14.09 -7.40
C LYS A 211 9.91 -14.00 -8.65
N ILE A 212 10.16 -14.89 -9.59
CA ILE A 212 9.29 -15.11 -10.74
C ILE A 212 8.22 -16.10 -10.30
N VAL A 213 6.99 -15.61 -10.08
CA VAL A 213 5.89 -16.51 -9.76
C VAL A 213 5.59 -17.42 -10.94
N ARG A 214 5.41 -16.84 -12.12
CA ARG A 214 5.14 -17.69 -13.28
C ARG A 214 5.40 -16.95 -14.58
N MET A 215 5.53 -17.72 -15.65
CA MET A 215 5.72 -17.22 -17.01
C MET A 215 4.77 -17.93 -17.95
N ASP A 216 4.30 -17.22 -18.97
CA ASP A 216 3.41 -17.82 -19.95
C ASP A 216 4.17 -18.57 -21.04
N ARG A 217 5.47 -18.35 -21.17
CA ARG A 217 6.31 -19.08 -22.11
C ARG A 217 7.58 -19.53 -21.40
N THR A 218 7.90 -20.82 -21.53
CA THR A 218 9.17 -21.37 -21.08
C THR A 218 10.08 -21.75 -22.23
N ALA A 219 9.55 -21.86 -23.44
CA ALA A 219 10.35 -22.12 -24.64
C ALA A 219 10.30 -20.91 -25.56
N GLY A 220 11.33 -20.79 -26.39
CA GLY A 220 11.42 -19.68 -27.33
C GLY A 220 12.38 -19.97 -28.46
N CYS A 221 12.22 -19.21 -29.54
CA CYS A 221 13.13 -19.32 -30.67
C CYS A 221 14.48 -18.68 -30.31
N VAL A 222 15.55 -19.24 -30.90
CA VAL A 222 16.88 -18.68 -30.66
C VAL A 222 17.00 -17.28 -31.23
N THR A 223 16.17 -16.94 -32.21
CA THR A 223 16.05 -15.55 -32.65
C THR A 223 15.25 -14.76 -31.61
N GLY A 224 15.65 -13.49 -31.43
CA GLY A 224 15.05 -12.66 -30.40
C GLY A 224 13.81 -11.94 -30.89
N GLY A 225 12.75 -11.99 -30.08
CA GLY A 225 11.53 -11.29 -30.42
C GLY A 225 10.27 -11.71 -29.68
N GLU A 226 10.20 -12.95 -29.22
CA GLU A 226 8.98 -13.47 -28.61
C GLU A 226 8.59 -12.68 -27.37
N GLU A 227 7.30 -12.39 -27.25
CA GLU A 227 6.76 -11.64 -26.12
C GLU A 227 6.35 -12.61 -25.03
N ILE A 228 6.79 -12.33 -23.80
CA ILE A 228 6.49 -13.15 -22.63
C ILE A 228 5.87 -12.29 -21.55
N TYR A 229 4.79 -12.81 -20.95
CA TYR A 229 4.20 -12.25 -19.75
C TYR A 229 4.81 -12.94 -18.53
N LEU A 230 5.26 -12.15 -17.56
CA LEU A 230 5.94 -12.66 -16.38
C LEU A 230 5.27 -12.09 -15.14
N LEU A 231 4.78 -12.97 -14.26
CA LEU A 231 4.20 -12.57 -12.99
C LEU A 231 5.21 -12.77 -11.89
N CYS A 232 5.49 -11.69 -11.15
CA CYS A 232 6.58 -11.62 -10.19
C CYS A 232 6.09 -10.99 -8.90
N ASP A 233 6.90 -11.15 -7.85
CA ASP A 233 6.70 -10.36 -6.63
C ASP A 233 7.08 -8.91 -6.89
N LYS A 234 6.84 -8.06 -5.89
CA LYS A 234 6.95 -6.62 -6.06
C LYS A 234 8.35 -6.21 -6.53
N VAL A 235 8.39 -5.51 -7.67
CA VAL A 235 9.62 -4.92 -8.18
C VAL A 235 9.36 -3.44 -8.42
N GLN A 236 10.44 -2.70 -8.67
CA GLN A 236 10.36 -1.28 -8.98
C GLN A 236 10.67 -1.08 -10.46
N LYS A 237 9.85 -0.26 -11.12
CA LYS A 237 9.84 -0.19 -12.58
C LYS A 237 11.21 0.20 -13.14
N ASP A 238 11.91 1.10 -12.46
CA ASP A 238 13.17 1.65 -12.95
C ASP A 238 14.40 0.92 -12.43
N ASP A 239 14.21 -0.17 -11.68
CA ASP A 239 15.31 -0.83 -10.99
C ASP A 239 15.32 -2.33 -11.25
N ILE A 240 14.68 -2.80 -12.32
CA ILE A 240 14.46 -4.23 -12.52
C ILE A 240 14.91 -4.63 -13.92
N GLN A 241 15.49 -5.83 -14.02
CA GLN A 241 15.96 -6.41 -15.26
C GLN A 241 15.51 -7.85 -15.32
N ILE A 242 15.30 -8.34 -16.55
CA ILE A 242 15.05 -9.76 -16.80
C ILE A 242 16.26 -10.30 -17.54
N ARG A 243 16.96 -11.25 -16.91
CA ARG A 243 18.27 -11.70 -17.36
C ARG A 243 18.21 -13.19 -17.70
N PHE A 244 18.43 -13.51 -18.97
CA PHE A 244 18.67 -14.87 -19.40
C PHE A 244 20.17 -15.13 -19.34
N TYR A 245 20.55 -16.34 -18.94
CA TYR A 245 21.97 -16.66 -18.87
C TYR A 245 22.19 -18.15 -19.05
N GLU A 246 23.41 -18.49 -19.45
CA GLU A 246 23.81 -19.88 -19.65
C GLU A 246 25.26 -20.04 -19.23
N GLU A 247 25.53 -21.02 -18.38
CA GLU A 247 26.88 -21.36 -17.99
C GLU A 247 27.50 -22.29 -19.01
N GLU A 248 28.69 -21.94 -19.48
CA GLU A 248 29.37 -22.68 -20.53
C GLU A 248 30.33 -23.71 -19.95
N GLU A 249 30.84 -24.56 -20.84
CA GLU A 249 31.75 -25.63 -20.41
C GLU A 249 33.09 -25.09 -19.97
N ASN A 250 33.56 -24.00 -20.58
CA ASN A 250 34.82 -23.38 -20.18
C ASN A 250 34.67 -22.45 -18.98
N GLY A 251 33.52 -22.47 -18.31
CA GLY A 251 33.28 -21.59 -17.18
C GLY A 251 32.72 -20.24 -17.54
N GLY A 252 32.54 -19.94 -18.83
CA GLY A 252 31.94 -18.69 -19.22
C GLY A 252 30.44 -18.66 -18.98
N VAL A 253 29.91 -17.45 -18.87
CA VAL A 253 28.49 -17.23 -18.61
C VAL A 253 27.97 -16.26 -19.66
N TRP A 254 27.23 -16.77 -20.62
CA TRP A 254 26.55 -15.91 -21.58
C TRP A 254 25.30 -15.31 -20.95
N GLU A 255 25.02 -14.05 -21.30
CA GLU A 255 23.85 -13.37 -20.77
C GLU A 255 23.17 -12.54 -21.85
N GLY A 256 21.84 -12.59 -21.85
CA GLY A 256 21.04 -11.67 -22.62
C GLY A 256 19.95 -11.10 -21.72
N PHE A 257 19.22 -10.12 -22.25
CA PHE A 257 18.25 -9.41 -21.44
C PHE A 257 16.94 -9.21 -22.19
N GLY A 258 15.84 -9.44 -21.49
CA GLY A 258 14.54 -9.13 -22.07
C GLY A 258 14.40 -7.63 -22.28
N ASP A 259 13.85 -7.27 -23.44
CA ASP A 259 13.66 -5.87 -23.79
C ASP A 259 12.27 -5.42 -23.36
N PHE A 260 12.22 -4.41 -22.49
CA PHE A 260 10.96 -3.84 -22.05
C PHE A 260 11.22 -2.44 -21.51
N SER A 261 10.17 -1.64 -21.47
CA SER A 261 10.23 -0.31 -20.89
C SER A 261 9.65 -0.33 -19.49
N PRO A 262 9.98 0.68 -18.67
CA PRO A 262 9.34 0.77 -17.34
C PRO A 262 7.82 0.78 -17.39
N THR A 263 7.22 1.37 -18.44
CA THR A 263 5.77 1.34 -18.59
C THR A 263 5.24 -0.07 -18.83
N ASP A 264 6.10 -1.00 -19.26
CA ASP A 264 5.72 -2.39 -19.42
C ASP A 264 5.68 -3.15 -18.10
N VAL A 265 6.06 -2.53 -16.99
CA VAL A 265 5.93 -3.12 -15.67
C VAL A 265 4.57 -2.75 -15.11
N HIS A 266 3.72 -3.76 -14.89
CA HIS A 266 2.33 -3.55 -14.52
C HIS A 266 2.17 -3.57 -13.01
N ARG A 267 1.98 -2.39 -12.42
CA ARG A 267 1.61 -2.26 -11.01
C ARG A 267 2.56 -3.04 -10.10
N GLN A 268 3.83 -3.08 -10.48
CA GLN A 268 4.94 -3.67 -9.75
C GLN A 268 4.89 -5.20 -9.68
N PHE A 269 3.86 -5.84 -10.22
CA PHE A 269 3.68 -7.27 -10.04
C PHE A 269 3.64 -8.05 -11.35
N ALA A 270 3.87 -7.40 -12.49
CA ALA A 270 3.92 -8.10 -13.77
C ALA A 270 4.81 -7.33 -14.73
N ILE A 271 5.46 -8.07 -15.63
CA ILE A 271 6.33 -7.50 -16.65
C ILE A 271 6.05 -8.19 -17.97
N VAL A 272 5.69 -7.42 -18.99
CA VAL A 272 5.58 -7.90 -20.36
C VAL A 272 6.86 -7.49 -21.08
N PHE A 273 7.56 -8.46 -21.67
CA PHE A 273 8.84 -8.16 -22.29
C PHE A 273 8.99 -8.97 -23.57
N LYS A 274 10.02 -8.63 -24.34
CA LYS A 274 10.40 -9.38 -25.52
C LYS A 274 11.70 -10.12 -25.26
N THR A 275 11.78 -11.37 -25.72
CA THR A 275 12.90 -12.23 -25.39
C THR A 275 14.14 -11.85 -26.20
N PRO A 276 15.33 -12.03 -25.63
CA PRO A 276 16.56 -11.70 -26.34
C PRO A 276 17.01 -12.84 -27.25
N LYS A 277 17.99 -12.53 -28.09
CA LYS A 277 18.57 -13.50 -28.99
C LYS A 277 19.52 -14.44 -28.24
N TYR A 278 19.58 -15.68 -28.68
CA TYR A 278 20.46 -16.66 -28.06
C TYR A 278 21.90 -16.46 -28.56
N LYS A 279 22.82 -17.12 -27.84
CA LYS A 279 24.24 -17.15 -28.18
C LYS A 279 24.48 -17.32 -29.69
N ASP A 280 24.07 -18.47 -30.22
CA ASP A 280 24.22 -18.80 -31.63
C ASP A 280 22.85 -18.98 -32.25
N VAL A 281 22.55 -18.21 -33.29
CA VAL A 281 21.29 -18.36 -34.01
C VAL A 281 21.21 -19.65 -34.79
N ASN A 282 22.29 -20.44 -34.85
CA ASN A 282 22.29 -21.74 -35.54
C ASN A 282 22.68 -22.82 -34.54
N ILE A 283 21.70 -23.65 -34.18
CA ILE A 283 21.90 -24.75 -33.22
C ILE A 283 21.00 -25.90 -33.64
N THR A 284 21.21 -27.07 -33.04
CA THR A 284 20.36 -28.23 -33.29
C THR A 284 19.75 -28.73 -31.99
N LYS A 285 20.56 -29.28 -31.09
CA LYS A 285 20.04 -29.72 -29.80
C LYS A 285 19.49 -28.53 -29.03
N PRO A 286 18.30 -28.64 -28.44
CA PRO A 286 17.74 -27.50 -27.71
C PRO A 286 18.60 -27.14 -26.49
N ALA A 287 18.62 -25.85 -26.16
CA ALA A 287 19.52 -25.32 -25.15
C ALA A 287 18.72 -24.85 -23.94
N SER A 288 19.02 -25.43 -22.78
CA SER A 288 18.33 -25.05 -21.54
C SER A 288 19.16 -23.97 -20.85
N VAL A 289 18.71 -22.74 -20.96
CA VAL A 289 19.30 -21.63 -20.23
C VAL A 289 18.42 -21.33 -19.03
N PHE A 290 18.86 -20.40 -18.19
CA PHE A 290 18.08 -19.94 -17.06
C PHE A 290 17.62 -18.51 -17.32
N VAL A 291 16.55 -18.12 -16.62
CA VAL A 291 16.03 -16.77 -16.67
C VAL A 291 15.72 -16.34 -15.23
N GLN A 292 16.06 -15.11 -14.90
CA GLN A 292 15.90 -14.63 -13.54
C GLN A 292 15.59 -13.14 -13.55
N LEU A 293 15.02 -12.67 -12.44
CA LEU A 293 14.92 -11.24 -12.21
C LEU A 293 16.20 -10.76 -11.53
N ARG A 294 16.59 -9.52 -11.84
CA ARG A 294 17.76 -8.94 -11.19
C ARG A 294 17.50 -7.47 -10.92
N ARG A 295 17.87 -7.04 -9.71
CA ARG A 295 17.75 -5.64 -9.34
C ARG A 295 18.97 -4.87 -9.81
N LYS A 296 18.75 -3.72 -10.45
CA LYS A 296 19.84 -2.99 -11.08
C LYS A 296 20.83 -2.45 -10.05
N SER A 297 20.33 -1.95 -8.92
CA SER A 297 21.16 -1.38 -7.88
C SER A 297 21.74 -2.44 -6.93
N ASP A 298 21.48 -3.71 -7.20
CA ASP A 298 21.78 -4.80 -6.27
C ASP A 298 22.62 -5.90 -6.88
N LEU A 299 22.37 -6.27 -8.14
CA LEU A 299 22.82 -7.52 -8.75
C LEU A 299 22.17 -8.71 -8.05
N GLU A 300 21.30 -8.42 -7.07
CA GLU A 300 20.53 -9.46 -6.42
C GLU A 300 19.56 -10.08 -7.41
N THR A 301 19.51 -11.41 -7.43
CA THR A 301 18.74 -12.14 -8.43
C THR A 301 17.68 -13.01 -7.77
N SER A 302 16.60 -13.24 -8.51
CA SER A 302 15.61 -14.25 -8.14
C SER A 302 16.17 -15.65 -8.42
N GLU A 303 15.40 -16.65 -8.04
CA GLU A 303 15.81 -18.02 -8.31
C GLU A 303 15.82 -18.28 -9.81
N PRO A 304 16.81 -18.99 -10.32
CA PRO A 304 16.85 -19.28 -11.76
C PRO A 304 15.69 -20.18 -12.17
N LYS A 305 15.07 -19.84 -13.30
CA LYS A 305 14.00 -20.65 -13.84
C LYS A 305 14.36 -21.15 -15.23
N PRO A 306 14.09 -22.42 -15.54
CA PRO A 306 14.50 -22.96 -16.84
C PRO A 306 13.83 -22.25 -18.00
N PHE A 307 14.51 -22.27 -19.15
CA PHE A 307 14.00 -21.71 -20.39
C PHE A 307 14.69 -22.40 -21.55
N LEU A 308 13.92 -22.97 -22.47
CA LEU A 308 14.47 -23.76 -23.56
C LEU A 308 14.48 -22.94 -24.84
N TYR A 309 15.69 -22.61 -25.32
CA TYR A 309 15.87 -22.07 -26.65
C TYR A 309 15.82 -23.21 -27.66
N TYR A 310 14.97 -23.07 -28.68
CA TYR A 310 14.67 -24.00 -29.75
C TYR A 310 15.37 -23.59 -31.05
N PRO A 311 15.90 -24.57 -31.79
CA PRO A 311 16.71 -24.28 -32.96
C PRO A 311 15.95 -23.71 -34.16
N GLU A 312 14.66 -23.42 -34.01
CA GLU A 312 13.83 -22.90 -35.11
C GLU A 312 13.88 -23.81 -36.34
N GLY B 1 -47.22 21.04 -6.30
CA GLY B 1 -46.35 22.00 -5.65
C GLY B 1 -44.92 21.95 -6.14
N PRO B 2 -44.05 22.73 -5.52
CA PRO B 2 -42.65 22.75 -5.93
C PRO B 2 -41.89 21.54 -5.42
N TYR B 3 -40.92 21.10 -6.21
CA TYR B 3 -40.13 19.93 -5.86
C TYR B 3 -38.78 20.02 -6.55
N LEU B 4 -37.81 19.31 -5.99
CA LEU B 4 -36.45 19.28 -6.51
C LEU B 4 -36.22 17.97 -7.26
N GLN B 5 -35.53 18.06 -8.40
CA GLN B 5 -35.25 16.91 -9.24
C GLN B 5 -33.77 16.91 -9.62
N ILE B 6 -33.17 15.72 -9.61
CA ILE B 6 -31.78 15.55 -10.05
C ILE B 6 -31.78 15.33 -11.55
N LEU B 7 -31.24 16.28 -12.30
CA LEU B 7 -31.17 16.12 -13.75
C LEU B 7 -30.05 15.18 -14.15
N GLU B 8 -28.91 15.25 -13.48
CA GLU B 8 -27.78 14.38 -13.78
C GLU B 8 -27.10 13.98 -12.48
N GLN B 9 -27.08 12.67 -12.23
CA GLN B 9 -26.42 12.12 -11.05
C GLN B 9 -24.90 12.24 -11.19
N PRO B 10 -24.18 12.14 -10.09
CA PRO B 10 -22.73 11.96 -10.18
C PRO B 10 -22.40 10.53 -10.60
N LYS B 11 -21.17 10.35 -11.07
CA LYS B 11 -20.70 9.01 -11.40
C LYS B 11 -20.52 8.19 -10.13
N GLN B 12 -21.04 6.97 -10.14
CA GLN B 12 -20.96 6.15 -8.93
C GLN B 12 -19.55 5.63 -8.71
N ARG B 13 -18.84 5.27 -9.78
CA ARG B 13 -17.51 4.68 -9.67
C ARG B 13 -16.52 5.45 -10.52
N GLY B 14 -15.26 5.46 -10.09
CA GLY B 14 -14.17 6.08 -10.81
C GLY B 14 -13.54 7.25 -10.07
N PHE B 15 -14.31 7.93 -9.22
CA PHE B 15 -13.79 9.08 -8.50
C PHE B 15 -13.00 8.64 -7.28
N ARG B 16 -11.90 9.34 -7.02
CA ARG B 16 -10.99 9.00 -5.92
C ARG B 16 -11.15 10.01 -4.80
N PHE B 17 -11.45 9.53 -3.60
CA PHE B 17 -11.51 10.40 -2.43
C PHE B 17 -10.09 10.79 -2.03
N ARG B 18 -9.96 12.02 -1.53
CA ARG B 18 -8.66 12.58 -1.16
C ARG B 18 -8.62 12.87 0.33
N TYR B 19 -7.58 12.39 0.99
CA TYR B 19 -7.33 12.75 2.37
C TYR B 19 -6.80 14.18 2.44
N VAL B 20 -6.83 14.76 3.65
CA VAL B 20 -6.36 16.13 3.82
C VAL B 20 -4.91 16.25 3.40
N CYS B 21 -4.09 15.26 3.77
CA CYS B 21 -2.67 15.29 3.48
C CYS B 21 -2.35 15.35 2.00
N GLU B 22 -3.27 14.90 1.14
CA GLU B 22 -3.02 14.86 -0.29
C GLU B 22 -3.14 16.22 -0.97
N GLY B 23 -3.58 17.25 -0.24
CA GLY B 23 -3.71 18.57 -0.80
C GLY B 23 -4.99 18.76 -1.57
N PRO B 24 -5.15 19.93 -2.20
CA PRO B 24 -6.39 20.20 -2.94
C PRO B 24 -6.23 20.01 -4.44
N SER B 25 -7.32 20.25 -5.17
CA SER B 25 -7.30 20.41 -6.62
C SER B 25 -6.85 19.14 -7.35
N HIS B 26 -7.36 17.99 -6.91
CA HIS B 26 -7.08 16.73 -7.57
C HIS B 26 -8.18 16.33 -8.56
N GLY B 27 -9.11 17.23 -8.84
CA GLY B 27 -10.18 16.94 -9.78
C GLY B 27 -11.56 16.95 -9.15
N GLY B 28 -12.56 17.41 -9.90
CA GLY B 28 -13.91 17.47 -9.40
C GLY B 28 -14.70 16.19 -9.64
N LEU B 29 -15.71 15.99 -8.79
CA LEU B 29 -16.62 14.85 -8.88
C LEU B 29 -17.37 14.89 -10.20
N PRO B 30 -17.11 13.96 -11.12
CA PRO B 30 -17.76 14.02 -12.43
C PRO B 30 -19.23 13.61 -12.34
N GLY B 31 -20.00 14.10 -13.32
CA GLY B 31 -21.37 13.66 -13.46
C GLY B 31 -21.45 12.31 -14.12
N ALA B 32 -22.64 11.70 -14.04
CA ALA B 32 -22.82 10.34 -14.54
C ALA B 32 -22.57 10.27 -16.04
N SER B 33 -22.94 11.31 -16.79
CA SER B 33 -22.82 11.32 -18.24
C SER B 33 -21.47 11.85 -18.72
N SER B 34 -20.50 12.04 -17.83
CA SER B 34 -19.24 12.64 -18.21
C SER B 34 -18.29 11.61 -18.82
N GLU B 35 -17.75 11.94 -19.98
CA GLU B 35 -16.71 11.17 -20.63
C GLU B 35 -15.44 12.02 -20.76
N LYS B 36 -14.41 11.45 -21.38
CA LYS B 36 -13.10 12.09 -21.35
C LYS B 36 -13.10 13.44 -22.08
N ASN B 37 -13.91 13.59 -23.13
CA ASN B 37 -14.00 14.85 -23.86
C ASN B 37 -15.36 15.53 -23.67
N LYS B 38 -15.98 15.32 -22.51
CA LYS B 38 -17.28 15.92 -22.17
C LYS B 38 -17.37 15.93 -20.63
N LYS B 39 -16.59 16.82 -20.02
CA LYS B 39 -16.59 16.99 -18.57
C LYS B 39 -17.96 17.48 -18.13
N SER B 40 -18.76 16.56 -17.58
CA SER B 40 -20.07 16.88 -17.05
C SER B 40 -20.06 16.75 -15.52
N TYR B 41 -20.97 17.48 -14.89
CA TYR B 41 -21.03 17.58 -13.44
C TYR B 41 -22.43 17.28 -12.96
N PRO B 42 -22.60 16.94 -11.68
CA PRO B 42 -23.95 16.73 -11.14
C PRO B 42 -24.83 17.97 -11.35
N GLN B 43 -26.10 17.73 -11.64
CA GLN B 43 -27.03 18.81 -11.93
C GLN B 43 -28.39 18.50 -11.34
N VAL B 44 -28.98 19.50 -10.66
CA VAL B 44 -30.34 19.39 -10.14
C VAL B 44 -31.17 20.53 -10.74
N LYS B 45 -32.48 20.40 -10.60
CA LYS B 45 -33.41 21.40 -11.09
C LYS B 45 -34.61 21.49 -10.16
N ILE B 46 -35.07 22.72 -9.91
CA ILE B 46 -36.28 22.98 -9.15
C ILE B 46 -37.42 23.21 -10.13
N CYS B 47 -38.49 22.43 -10.00
CA CYS B 47 -39.64 22.52 -10.88
C CYS B 47 -40.81 23.15 -10.14
N ASN B 48 -41.82 23.56 -10.92
CA ASN B 48 -43.01 24.25 -10.40
C ASN B 48 -42.65 25.52 -9.65
N TYR B 49 -41.58 26.19 -10.08
CA TYR B 49 -41.16 27.46 -9.50
C TYR B 49 -40.11 28.12 -10.38
N VAL B 50 -40.33 29.38 -10.74
CA VAL B 50 -39.34 30.22 -11.40
C VAL B 50 -39.09 31.40 -10.48
N GLY B 51 -37.98 31.36 -9.74
CA GLY B 51 -37.64 32.41 -8.81
C GLY B 51 -36.36 32.10 -8.05
N PRO B 52 -36.02 32.96 -7.09
CA PRO B 52 -34.79 32.73 -6.33
C PRO B 52 -34.91 31.53 -5.41
N ALA B 53 -33.82 30.79 -5.26
CA ALA B 53 -33.79 29.69 -4.30
C ALA B 53 -32.37 29.49 -3.80
N LYS B 54 -32.26 28.78 -2.67
CA LYS B 54 -30.97 28.42 -2.11
C LYS B 54 -30.89 26.90 -2.00
N VAL B 55 -29.88 26.30 -2.64
CA VAL B 55 -29.72 24.86 -2.67
C VAL B 55 -28.46 24.49 -1.89
N ILE B 56 -28.60 23.59 -0.93
CA ILE B 56 -27.46 23.07 -0.19
C ILE B 56 -27.26 21.61 -0.54
N VAL B 57 -26.01 21.17 -0.45
CA VAL B 57 -25.60 19.81 -0.77
C VAL B 57 -24.81 19.27 0.42
N GLN B 58 -25.21 18.10 0.91
CA GLN B 58 -24.55 17.46 2.04
C GLN B 58 -24.19 16.03 1.69
N LEU B 59 -23.13 15.54 2.34
CA LEU B 59 -22.72 14.15 2.21
C LEU B 59 -23.41 13.32 3.28
N VAL B 60 -24.15 12.30 2.85
CA VAL B 60 -24.92 11.47 3.76
C VAL B 60 -24.46 10.01 3.61
N THR B 61 -24.72 9.22 4.65
CA THR B 61 -24.32 7.84 4.68
C THR B 61 -25.17 7.01 3.72
N ASN B 62 -24.73 5.77 3.48
CA ASN B 62 -25.40 4.86 2.57
C ASN B 62 -26.16 3.77 3.31
N GLY B 63 -26.44 3.95 4.60
CA GLY B 63 -27.17 2.98 5.38
C GLY B 63 -28.67 3.18 5.30
N LYS B 64 -29.39 2.28 5.97
CA LYS B 64 -30.86 2.37 6.01
C LYS B 64 -31.30 3.71 6.59
N ASN B 65 -30.71 4.12 7.71
CA ASN B 65 -31.02 5.41 8.33
C ASN B 65 -30.04 6.44 7.80
N ILE B 66 -30.49 7.26 6.86
CA ILE B 66 -29.65 8.24 6.18
C ILE B 66 -29.24 9.30 7.21
N HIS B 67 -27.97 9.30 7.59
CA HIS B 67 -27.41 10.25 8.54
C HIS B 67 -26.29 11.04 7.88
N LEU B 68 -25.67 11.92 8.66
CA LEU B 68 -24.54 12.71 8.16
C LEU B 68 -23.31 11.80 7.99
N HIS B 69 -22.41 12.24 7.11
CA HIS B 69 -21.19 11.52 6.84
C HIS B 69 -19.99 12.37 7.25
N ALA B 70 -18.94 11.69 7.73
CA ALA B 70 -17.75 12.38 8.22
C ALA B 70 -16.90 12.96 7.08
N HIS B 71 -17.00 12.40 5.88
CA HIS B 71 -16.33 12.99 4.73
C HIS B 71 -16.91 14.38 4.44
N SER B 72 -16.10 15.21 3.81
CA SER B 72 -16.49 16.61 3.59
C SER B 72 -16.60 16.90 2.10
N LEU B 73 -17.45 17.86 1.76
CA LEU B 73 -17.45 18.45 0.43
C LEU B 73 -16.50 19.64 0.44
N VAL B 74 -15.66 19.73 -0.60
CA VAL B 74 -14.70 20.81 -0.73
C VAL B 74 -14.78 21.38 -2.14
N GLY B 75 -14.34 22.62 -2.29
CA GLY B 75 -14.33 23.29 -3.56
C GLY B 75 -15.06 24.62 -3.49
N LYS B 76 -15.31 25.20 -4.67
CA LYS B 76 -15.98 26.49 -4.74
C LYS B 76 -17.36 26.41 -4.12
N HIS B 77 -17.68 27.39 -3.26
CA HIS B 77 -18.95 27.48 -2.55
C HIS B 77 -19.14 26.31 -1.58
N CYS B 78 -18.06 25.85 -0.95
CA CYS B 78 -18.13 24.85 0.10
C CYS B 78 -17.63 25.45 1.40
N GLU B 79 -18.24 25.01 2.51
CA GLU B 79 -17.87 25.50 3.83
C GLU B 79 -18.24 24.44 4.86
N ASP B 80 -17.26 23.97 5.62
CA ASP B 80 -17.48 23.00 6.69
C ASP B 80 -18.13 21.73 6.16
N GLY B 81 -17.68 21.28 4.99
CA GLY B 81 -18.16 20.05 4.41
C GLY B 81 -19.55 20.10 3.80
N VAL B 82 -20.06 21.30 3.49
CA VAL B 82 -21.38 21.46 2.90
C VAL B 82 -21.29 22.47 1.77
N CYS B 83 -22.00 22.22 0.67
CA CYS B 83 -22.03 23.14 -0.46
C CYS B 83 -23.30 23.97 -0.43
N THR B 84 -23.19 25.24 -0.83
CA THR B 84 -24.34 26.14 -0.87
C THR B 84 -24.28 26.96 -2.14
N VAL B 85 -25.37 26.95 -2.91
CA VAL B 85 -25.42 27.56 -4.23
C VAL B 85 -26.74 28.31 -4.40
N THR B 86 -26.69 29.39 -5.18
CA THR B 86 -27.85 30.19 -5.52
C THR B 86 -28.52 29.64 -6.77
N ALA B 87 -29.76 29.16 -6.63
CA ALA B 87 -30.59 28.83 -7.78
C ALA B 87 -31.19 30.13 -8.30
N GLY B 88 -30.71 30.59 -9.45
CA GLY B 88 -31.05 31.89 -10.00
C GLY B 88 -32.53 32.06 -10.27
N PRO B 89 -32.94 33.31 -10.50
CA PRO B 89 -34.38 33.60 -10.68
C PRO B 89 -34.96 32.93 -11.92
N LYS B 90 -34.38 33.17 -13.09
CA LYS B 90 -34.90 32.57 -14.32
C LYS B 90 -34.45 31.13 -14.46
N ASP B 91 -33.15 30.91 -14.68
CA ASP B 91 -32.63 29.57 -14.84
C ASP B 91 -32.76 28.80 -13.55
N MET B 92 -33.51 27.69 -13.58
CA MET B 92 -33.76 26.88 -12.39
C MET B 92 -32.88 25.64 -12.33
N VAL B 93 -32.00 25.44 -13.29
CA VAL B 93 -31.03 24.36 -13.25
C VAL B 93 -29.81 24.84 -12.48
N VAL B 94 -29.19 23.94 -11.71
CA VAL B 94 -28.00 24.24 -10.93
C VAL B 94 -27.02 23.08 -11.11
N GLY B 95 -25.81 23.38 -11.58
CA GLY B 95 -24.76 22.41 -11.70
C GLY B 95 -23.74 22.57 -10.58
N PHE B 96 -23.02 21.47 -10.28
CA PHE B 96 -22.02 21.46 -9.22
C PHE B 96 -20.71 20.93 -9.80
N ALA B 97 -19.81 21.86 -10.13
CA ALA B 97 -18.51 21.53 -10.70
C ALA B 97 -17.41 21.72 -9.67
N ASN B 98 -16.28 21.06 -9.93
CA ASN B 98 -15.07 21.21 -9.13
C ASN B 98 -15.30 20.88 -7.66
N LEU B 99 -16.08 19.83 -7.41
CA LEU B 99 -16.35 19.36 -6.05
C LEU B 99 -15.42 18.20 -5.72
N GLY B 100 -14.89 18.21 -4.51
CA GLY B 100 -14.02 17.15 -4.03
C GLY B 100 -14.59 16.53 -2.77
N ILE B 101 -14.32 15.23 -2.60
CA ILE B 101 -14.78 14.47 -1.46
C ILE B 101 -13.58 14.25 -0.55
N LEU B 102 -13.49 15.07 0.51
CA LEU B 102 -12.43 14.94 1.50
C LEU B 102 -12.68 13.72 2.37
N HIS B 103 -11.72 12.78 2.34
CA HIS B 103 -11.83 11.50 3.03
C HIS B 103 -11.20 11.61 4.41
N VAL B 104 -12.05 11.64 5.44
CA VAL B 104 -11.54 11.70 6.81
C VAL B 104 -10.86 10.39 7.18
N THR B 105 -9.98 10.46 8.17
CA THR B 105 -9.34 9.27 8.69
C THR B 105 -10.23 8.59 9.72
N LYS B 106 -10.01 7.29 9.92
CA LYS B 106 -10.82 6.51 10.85
C LYS B 106 -10.78 7.09 12.26
N LYS B 107 -9.62 7.63 12.67
CA LYS B 107 -9.51 8.21 14.00
C LYS B 107 -10.33 9.48 14.12
N LYS B 108 -10.13 10.43 13.20
CA LYS B 108 -10.76 11.75 13.27
C LYS B 108 -12.20 11.76 12.77
N VAL B 109 -12.90 10.63 12.81
CA VAL B 109 -14.32 10.62 12.43
C VAL B 109 -15.15 11.36 13.45
N PHE B 110 -15.22 10.82 14.68
CA PHE B 110 -16.07 11.33 15.76
C PHE B 110 -16.13 12.84 15.81
N GLU B 111 -15.02 13.48 16.21
CA GLU B 111 -14.92 14.92 16.26
C GLU B 111 -15.59 15.56 15.04
N THR B 112 -15.08 15.22 13.84
CA THR B 112 -15.66 15.73 12.61
C THR B 112 -17.18 15.62 12.62
N LEU B 113 -17.67 14.38 12.74
CA LEU B 113 -19.10 14.14 12.79
C LEU B 113 -19.78 15.09 13.75
N GLU B 114 -19.31 15.12 15.00
CA GLU B 114 -19.90 16.01 16.00
C GLU B 114 -20.00 17.42 15.45
N ALA B 115 -18.86 17.99 15.05
CA ALA B 115 -18.87 19.35 14.51
C ALA B 115 -19.94 19.49 13.45
N ARG B 116 -19.92 18.61 12.44
CA ARG B 116 -20.90 18.69 11.37
C ARG B 116 -22.31 18.73 11.93
N MET B 117 -22.66 17.74 12.77
CA MET B 117 -23.98 17.73 13.38
C MET B 117 -24.28 19.06 14.03
N THR B 118 -23.37 19.53 14.89
CA THR B 118 -23.55 20.83 15.53
C THR B 118 -23.90 21.90 14.51
N GLU B 119 -23.05 22.04 13.48
CA GLU B 119 -23.28 23.07 12.48
C GLU B 119 -24.66 22.90 11.86
N ALA B 120 -25.05 21.67 11.52
CA ALA B 120 -26.38 21.44 10.99
C ALA B 120 -27.44 22.04 11.90
N CYS B 121 -27.41 21.66 13.18
CA CYS B 121 -28.38 22.20 14.13
C CYS B 121 -28.25 23.72 14.24
N ILE B 122 -27.03 24.24 14.17
CA ILE B 122 -26.84 25.68 14.26
C ILE B 122 -27.30 26.39 13.00
N ARG B 123 -27.43 25.69 11.88
CA ARG B 123 -27.80 26.32 10.61
C ARG B 123 -29.06 25.74 10.00
N GLY B 124 -29.70 24.77 10.66
CA GLY B 124 -30.89 24.17 10.11
C GLY B 124 -30.63 23.37 8.86
N TYR B 125 -29.56 22.56 8.88
CA TYR B 125 -29.22 21.71 7.74
C TYR B 125 -29.81 20.32 7.95
N ASN B 126 -31.14 20.29 7.91
CA ASN B 126 -31.91 19.06 8.13
C ASN B 126 -31.49 18.34 9.42
N PRO B 127 -31.59 18.99 10.58
CA PRO B 127 -31.20 18.31 11.82
C PRO B 127 -32.13 17.18 12.21
N GLY B 128 -33.38 17.20 11.75
CA GLY B 128 -34.32 16.15 12.12
C GLY B 128 -34.10 14.87 11.35
N LEU B 129 -33.87 14.99 10.03
CA LEU B 129 -33.78 13.81 9.18
C LEU B 129 -32.43 13.11 9.32
N LEU B 130 -31.35 13.89 9.46
CA LEU B 130 -30.00 13.34 9.40
C LEU B 130 -29.36 13.16 10.78
N VAL B 131 -29.41 14.19 11.62
CA VAL B 131 -28.72 14.12 12.91
C VAL B 131 -29.50 13.25 13.89
N HIS B 132 -30.71 13.69 14.24
CA HIS B 132 -31.53 12.95 15.19
C HIS B 132 -32.97 13.41 15.01
N SER B 133 -33.91 12.53 15.37
CA SER B 133 -35.32 12.82 15.16
C SER B 133 -35.77 14.03 15.99
N ASP B 134 -35.57 13.97 17.30
CA ASP B 134 -36.09 14.99 18.20
C ASP B 134 -35.44 16.36 18.02
N LEU B 135 -34.51 16.50 17.07
CA LEU B 135 -33.93 17.79 16.75
C LEU B 135 -34.64 18.48 15.58
N ALA B 136 -35.74 17.89 15.09
CA ALA B 136 -36.43 18.44 13.93
C ALA B 136 -36.91 19.88 14.15
N TYR B 137 -37.03 20.32 15.40
CA TYR B 137 -37.47 21.68 15.68
C TYR B 137 -36.40 22.72 15.41
N LEU B 138 -35.14 22.30 15.26
CA LEU B 138 -34.05 23.25 15.01
C LEU B 138 -33.95 23.68 13.55
N GLN B 139 -34.81 23.15 12.68
CA GLN B 139 -34.74 23.51 11.27
C GLN B 139 -35.09 24.98 11.05
N ALA B 140 -36.15 25.47 11.70
CA ALA B 140 -36.50 26.88 11.64
C ALA B 140 -35.47 27.71 12.40
N GLU B 141 -34.37 28.06 11.75
CA GLU B 141 -33.32 28.84 12.41
C GLU B 141 -33.70 30.30 12.59
N GLY B 142 -34.64 30.80 11.80
CA GLY B 142 -35.02 32.20 11.88
C GLY B 142 -34.26 33.08 10.90
N GLY B 143 -33.00 33.38 11.24
CA GLY B 143 -32.19 34.22 10.38
C GLY B 143 -30.93 33.54 9.89
N GLY B 144 -29.96 33.35 10.79
CA GLY B 144 -28.71 32.74 10.43
C GLY B 144 -28.04 31.98 11.56
N ASP B 145 -27.24 32.69 12.36
CA ASP B 145 -26.50 32.07 13.44
C ASP B 145 -27.36 32.01 14.71
N ARG B 146 -27.34 30.87 15.38
CA ARG B 146 -28.09 30.70 16.62
C ARG B 146 -27.19 30.22 17.75
N GLN B 147 -27.80 29.81 18.86
CA GLN B 147 -27.10 29.26 20.01
C GLN B 147 -27.76 27.94 20.41
N LEU B 148 -26.95 27.01 20.89
CA LEU B 148 -27.41 25.67 21.24
C LEU B 148 -27.41 25.48 22.75
N THR B 149 -28.39 24.72 23.23
CA THR B 149 -28.51 24.38 24.65
C THR B 149 -27.77 23.07 24.92
N ASP B 150 -27.45 22.85 26.20
CA ASP B 150 -26.65 21.69 26.58
C ASP B 150 -27.38 20.39 26.29
N ARG B 151 -28.69 20.36 26.44
CA ARG B 151 -29.45 19.17 26.06
C ARG B 151 -29.28 18.89 24.57
N GLU B 152 -29.35 19.94 23.74
CA GLU B 152 -29.13 19.76 22.31
C GLU B 152 -27.70 19.29 22.03
N LYS B 153 -26.74 19.74 22.83
CA LYS B 153 -25.36 19.30 22.64
C LYS B 153 -25.17 17.85 23.03
N GLU B 154 -25.92 17.37 24.01
CA GLU B 154 -25.76 15.99 24.45
C GLU B 154 -26.47 15.01 23.53
N ILE B 155 -27.53 15.44 22.85
CA ILE B 155 -28.14 14.60 21.81
C ILE B 155 -27.18 14.47 20.63
N ILE B 156 -26.49 15.56 20.29
CA ILE B 156 -25.48 15.52 19.23
C ILE B 156 -24.34 14.59 19.62
N ARG B 157 -23.91 14.65 20.88
CA ARG B 157 -22.90 13.72 21.37
C ARG B 157 -23.37 12.28 21.26
N GLN B 158 -24.64 12.02 21.55
CA GLN B 158 -25.17 10.67 21.46
C GLN B 158 -25.08 10.12 20.04
N ALA B 159 -25.54 10.90 19.06
CA ALA B 159 -25.43 10.49 17.67
C ALA B 159 -23.98 10.50 17.19
N ALA B 160 -23.14 11.34 17.80
CA ALA B 160 -21.71 11.26 17.50
C ALA B 160 -21.13 9.93 17.98
N VAL B 161 -21.73 9.34 19.02
CA VAL B 161 -21.33 8.00 19.44
C VAL B 161 -21.86 6.95 18.48
N GLN B 162 -23.02 7.22 17.85
CA GLN B 162 -23.64 6.30 16.91
C GLN B 162 -22.68 5.87 15.80
N GLN B 163 -21.66 6.70 15.54
CA GLN B 163 -20.71 6.55 14.43
C GLN B 163 -20.03 5.20 14.31
N THR B 164 -20.68 4.13 14.78
CA THR B 164 -20.06 2.81 14.73
C THR B 164 -19.89 2.38 13.27
N LYS B 165 -19.50 1.11 13.07
CA LYS B 165 -19.15 0.61 11.74
C LYS B 165 -20.27 0.82 10.73
N GLU B 166 -21.43 1.32 11.18
CA GLU B 166 -22.45 1.80 10.26
C GLU B 166 -21.97 2.99 9.42
N MET B 167 -20.85 3.60 9.79
CA MET B 167 -20.22 4.65 8.98
C MET B 167 -19.25 3.98 8.01
N ASP B 168 -19.58 4.01 6.73
CA ASP B 168 -18.78 3.36 5.68
C ASP B 168 -18.01 4.44 4.94
N LEU B 169 -16.70 4.51 5.20
CA LEU B 169 -15.86 5.55 4.62
C LEU B 169 -15.59 5.36 3.14
N SER B 170 -16.09 4.29 2.52
CA SER B 170 -15.82 4.00 1.12
C SER B 170 -16.97 4.38 0.20
N VAL B 171 -18.07 4.89 0.75
CA VAL B 171 -19.23 5.27 -0.06
C VAL B 171 -19.97 6.40 0.64
N VAL B 172 -20.40 7.38 -0.13
CA VAL B 172 -21.22 8.48 0.36
C VAL B 172 -22.39 8.66 -0.60
N ARG B 173 -23.28 9.59 -0.27
CA ARG B 173 -24.35 10.00 -1.16
C ARG B 173 -24.52 11.51 -1.08
N LEU B 174 -24.96 12.11 -2.17
CA LEU B 174 -25.29 13.52 -2.18
C LEU B 174 -26.76 13.69 -1.81
N MET B 175 -27.03 14.57 -0.85
CA MET B 175 -28.40 14.96 -0.53
C MET B 175 -28.53 16.45 -0.82
N PHE B 176 -29.49 16.79 -1.69
CA PHE B 176 -29.75 18.16 -2.09
C PHE B 176 -31.00 18.65 -1.38
N THR B 177 -30.91 19.82 -0.76
CA THR B 177 -32.05 20.43 -0.08
C THR B 177 -32.24 21.83 -0.62
N ALA B 178 -33.43 22.10 -1.15
CA ALA B 178 -33.77 23.42 -1.67
C ALA B 178 -34.45 24.25 -0.59
N PHE B 179 -34.43 25.56 -0.78
CA PHE B 179 -35.06 26.50 0.13
C PHE B 179 -35.63 27.65 -0.69
N LEU B 180 -36.93 27.85 -0.58
CA LEU B 180 -37.77 28.88 -1.17
C LEU B 180 -37.82 30.11 -0.27
N PRO B 181 -38.02 31.28 -0.87
CA PRO B 181 -38.03 32.52 -0.08
C PRO B 181 -39.22 32.58 0.85
N ASP B 182 -38.97 33.09 2.05
CA ASP B 182 -40.01 33.31 3.05
C ASP B 182 -40.76 34.61 2.76
N SER B 183 -41.82 34.85 3.53
CA SER B 183 -42.50 36.14 3.45
C SER B 183 -41.57 37.29 3.81
N THR B 184 -40.64 37.06 4.75
CA THR B 184 -39.67 38.08 5.11
C THR B 184 -38.62 38.32 4.03
N GLY B 185 -38.50 37.41 3.07
CA GLY B 185 -37.47 37.47 2.06
C GLY B 185 -36.35 36.46 2.26
N SER B 186 -36.18 35.97 3.49
CA SER B 186 -35.18 34.95 3.77
C SER B 186 -35.54 33.65 3.06
N PHE B 187 -34.52 32.81 2.85
CA PHE B 187 -34.69 31.55 2.15
C PHE B 187 -34.83 30.43 3.18
N THR B 188 -36.07 30.23 3.63
CA THR B 188 -36.34 29.31 4.72
C THR B 188 -37.33 28.21 4.39
N ARG B 189 -38.19 28.37 3.39
CA ARG B 189 -39.18 27.34 3.08
C ARG B 189 -38.46 26.11 2.55
N ARG B 190 -38.36 25.06 3.38
CA ARG B 190 -37.61 23.88 3.01
C ARG B 190 -38.43 23.00 2.06
N LEU B 191 -37.84 22.64 0.94
CA LEU B 191 -38.43 21.68 0.03
C LEU B 191 -38.03 20.27 0.45
N GLU B 192 -38.60 19.27 -0.21
CA GLU B 192 -38.30 17.90 0.14
C GLU B 192 -36.89 17.54 -0.32
N PRO B 193 -36.00 17.10 0.58
CA PRO B 193 -34.65 16.72 0.16
C PRO B 193 -34.68 15.54 -0.80
N VAL B 194 -33.73 15.52 -1.72
CA VAL B 194 -33.59 14.44 -2.69
C VAL B 194 -32.18 13.87 -2.58
N VAL B 195 -32.10 12.55 -2.40
CA VAL B 195 -30.82 11.85 -2.28
C VAL B 195 -30.41 11.35 -3.66
N SER B 196 -29.12 11.47 -3.97
CA SER B 196 -28.58 11.00 -5.23
C SER B 196 -28.13 9.55 -5.11
N ASP B 197 -27.61 9.01 -6.21
CA ASP B 197 -27.02 7.68 -6.19
C ASP B 197 -25.78 7.66 -5.32
N ALA B 198 -25.36 6.46 -4.94
CA ALA B 198 -24.21 6.30 -4.06
C ALA B 198 -22.92 6.45 -4.85
N ILE B 199 -22.01 7.30 -4.35
CA ILE B 199 -20.69 7.49 -4.91
C ILE B 199 -19.72 6.62 -4.13
N TYR B 200 -18.88 5.87 -4.85
CA TYR B 200 -17.93 4.94 -4.26
C TYR B 200 -16.51 5.43 -4.49
N ASP B 201 -15.69 5.34 -3.45
CA ASP B 201 -14.28 5.70 -3.56
C ASP B 201 -13.57 4.68 -4.45
N SER B 202 -12.92 5.18 -5.51
CA SER B 202 -12.20 4.28 -6.42
C SER B 202 -11.02 3.60 -5.73
N LYS B 203 -10.55 4.13 -4.60
CA LYS B 203 -9.46 3.50 -3.87
C LYS B 203 -9.92 2.29 -3.06
N ALA B 204 -11.22 2.06 -2.96
CA ALA B 204 -11.71 0.85 -2.33
C ALA B 204 -11.66 -0.30 -3.34
N PRO B 205 -10.95 -1.39 -3.06
CA PRO B 205 -10.84 -2.47 -4.05
C PRO B 205 -12.17 -3.14 -4.35
N ASN B 206 -13.09 -3.14 -3.39
CA ASN B 206 -14.42 -3.70 -3.58
C ASN B 206 -15.30 -2.84 -4.47
N ALA B 207 -14.90 -1.61 -4.76
CA ALA B 207 -15.73 -0.70 -5.54
C ALA B 207 -14.95 0.04 -6.62
N SER B 208 -13.70 -0.32 -6.86
CA SER B 208 -12.94 0.34 -7.92
C SER B 208 -13.48 -0.05 -9.29
N ASN B 209 -13.12 0.74 -10.29
CA ASN B 209 -13.49 0.42 -11.67
C ASN B 209 -12.61 -0.70 -12.18
N LEU B 210 -13.24 -1.80 -12.58
CA LEU B 210 -12.50 -2.93 -13.12
C LEU B 210 -12.04 -2.62 -14.55
N LYS B 211 -10.86 -3.12 -14.90
CA LYS B 211 -10.27 -2.80 -16.19
C LYS B 211 -9.27 -3.87 -16.57
N ILE B 212 -9.33 -4.31 -17.82
CA ILE B 212 -8.36 -5.24 -18.39
C ILE B 212 -7.28 -4.41 -19.07
N VAL B 213 -6.08 -4.40 -18.49
CA VAL B 213 -4.98 -3.63 -19.08
C VAL B 213 -4.52 -4.28 -20.37
N ARG B 214 -4.14 -5.57 -20.31
CA ARG B 214 -3.87 -6.28 -21.55
C ARG B 214 -3.81 -7.78 -21.33
N MET B 215 -4.11 -8.53 -22.38
CA MET B 215 -4.26 -9.98 -22.31
C MET B 215 -3.16 -10.68 -23.09
N ASP B 216 -2.84 -11.90 -22.65
CA ASP B 216 -1.85 -12.76 -23.28
C ASP B 216 -2.27 -13.11 -24.70
N ARG B 217 -3.26 -13.98 -24.84
CA ARG B 217 -3.76 -14.44 -26.13
C ARG B 217 -5.01 -13.63 -26.48
N THR B 218 -4.98 -12.96 -27.62
CA THR B 218 -6.15 -12.23 -28.10
C THR B 218 -7.16 -13.13 -28.79
N ALA B 219 -6.79 -14.36 -29.10
CA ALA B 219 -7.68 -15.33 -29.73
C ALA B 219 -7.51 -16.67 -29.04
N GLY B 220 -8.27 -17.65 -29.49
CA GLY B 220 -8.20 -18.97 -28.91
C GLY B 220 -9.11 -19.91 -29.67
N CYS B 221 -9.06 -21.18 -29.27
CA CYS B 221 -9.86 -22.24 -29.86
C CYS B 221 -10.92 -22.72 -28.90
N VAL B 222 -12.06 -23.13 -29.46
CA VAL B 222 -13.14 -23.73 -28.68
C VAL B 222 -12.81 -25.11 -28.14
N THR B 223 -11.62 -25.64 -28.43
CA THR B 223 -11.30 -27.03 -28.08
C THR B 223 -11.31 -27.27 -26.57
N GLY B 224 -10.93 -26.27 -25.78
CA GLY B 224 -10.93 -26.45 -24.34
C GLY B 224 -10.23 -25.30 -23.64
N GLY B 225 -9.71 -25.59 -22.44
CA GLY B 225 -9.07 -24.58 -21.61
C GLY B 225 -7.68 -24.20 -22.07
N GLU B 226 -7.58 -23.16 -22.88
CA GLU B 226 -6.30 -22.62 -23.30
C GLU B 226 -5.88 -21.52 -22.33
N GLU B 227 -4.66 -21.63 -21.80
CA GLU B 227 -4.22 -20.76 -20.73
C GLU B 227 -3.97 -19.34 -21.26
N ILE B 228 -4.45 -18.36 -20.50
CA ILE B 228 -4.34 -16.95 -20.85
C ILE B 228 -3.92 -16.17 -19.61
N TYR B 229 -2.96 -15.27 -19.79
CA TYR B 229 -2.51 -14.32 -18.78
C TYR B 229 -3.19 -12.98 -19.02
N LEU B 230 -3.84 -12.44 -17.99
CA LEU B 230 -4.60 -11.20 -18.12
C LEU B 230 -4.12 -10.22 -17.05
N LEU B 231 -3.60 -9.08 -17.49
CA LEU B 231 -3.14 -8.02 -16.60
C LEU B 231 -4.23 -6.98 -16.47
N CYS B 232 -4.59 -6.68 -15.22
CA CYS B 232 -5.79 -5.92 -14.86
C CYS B 232 -5.47 -4.97 -13.73
N ASP B 233 -6.42 -4.07 -13.45
CA ASP B 233 -6.33 -3.21 -12.27
C ASP B 233 -6.70 -4.00 -11.03
N LYS B 234 -6.64 -3.34 -9.87
CA LYS B 234 -6.77 -4.03 -8.59
C LYS B 234 -8.12 -4.72 -8.46
N VAL B 235 -8.09 -6.04 -8.30
CA VAL B 235 -9.27 -6.84 -8.01
C VAL B 235 -9.02 -7.61 -6.73
N GLN B 236 -10.11 -8.08 -6.13
CA GLN B 236 -10.03 -8.95 -4.97
C GLN B 236 -10.20 -10.40 -5.42
N LYS B 237 -9.36 -11.29 -4.89
CA LYS B 237 -9.28 -12.65 -5.42
C LYS B 237 -10.59 -13.41 -5.26
N ASP B 238 -11.31 -13.16 -4.17
CA ASP B 238 -12.53 -13.90 -3.86
C ASP B 238 -13.78 -13.30 -4.48
N ASP B 239 -13.67 -12.17 -5.19
CA ASP B 239 -14.84 -11.45 -5.68
C ASP B 239 -14.75 -11.15 -7.17
N ILE B 240 -13.91 -11.89 -7.91
CA ILE B 240 -13.62 -11.54 -9.29
C ILE B 240 -13.97 -12.71 -10.21
N GLN B 241 -14.41 -12.39 -11.42
CA GLN B 241 -14.76 -13.36 -12.44
C GLN B 241 -14.35 -12.83 -13.81
N ILE B 242 -14.15 -13.75 -14.74
CA ILE B 242 -13.83 -13.41 -16.13
C ILE B 242 -14.94 -14.00 -16.98
N ARG B 243 -15.72 -13.13 -17.63
CA ARG B 243 -16.91 -13.54 -18.37
C ARG B 243 -16.71 -13.29 -19.85
N PHE B 244 -16.86 -14.34 -20.65
CA PHE B 244 -16.96 -14.24 -22.10
C PHE B 244 -18.44 -14.16 -22.46
N TYR B 245 -18.86 -13.06 -23.05
CA TYR B 245 -20.24 -12.90 -23.48
C TYR B 245 -20.32 -12.71 -24.98
N GLU B 246 -21.43 -13.16 -25.54
CA GLU B 246 -21.70 -13.08 -26.97
C GLU B 246 -23.12 -12.57 -27.18
N GLU B 247 -23.24 -11.36 -27.71
CA GLU B 247 -24.56 -10.79 -28.00
C GLU B 247 -25.16 -11.48 -29.22
N GLU B 248 -26.43 -11.84 -29.11
CA GLU B 248 -27.11 -12.60 -30.15
C GLU B 248 -28.25 -11.78 -30.74
N GLU B 249 -28.77 -12.26 -31.87
CA GLU B 249 -29.78 -11.52 -32.62
C GLU B 249 -31.16 -11.60 -31.99
N ASN B 250 -31.42 -12.60 -31.16
CA ASN B 250 -32.73 -12.72 -30.50
C ASN B 250 -32.83 -11.86 -29.24
N GLY B 251 -31.80 -11.08 -28.93
CA GLY B 251 -31.77 -10.27 -27.73
C GLY B 251 -31.01 -10.89 -26.57
N GLY B 252 -30.87 -12.21 -26.55
CA GLY B 252 -30.14 -12.88 -25.49
C GLY B 252 -28.64 -12.79 -25.68
N VAL B 253 -27.92 -13.27 -24.67
CA VAL B 253 -26.46 -13.24 -24.66
C VAL B 253 -25.94 -14.57 -24.15
N TRP B 254 -24.97 -15.15 -24.86
CA TRP B 254 -24.32 -16.37 -24.40
C TRP B 254 -23.23 -16.04 -23.39
N GLU B 255 -23.17 -16.84 -22.33
CA GLU B 255 -22.25 -16.65 -21.22
C GLU B 255 -21.32 -17.85 -21.09
N GLY B 256 -20.02 -17.57 -21.00
CA GLY B 256 -19.05 -18.55 -20.55
C GLY B 256 -18.11 -17.89 -19.57
N PHE B 257 -17.33 -18.70 -18.87
CA PHE B 257 -16.48 -18.17 -17.82
C PHE B 257 -15.10 -18.81 -17.88
N GLY B 258 -14.09 -18.00 -17.54
CA GLY B 258 -12.74 -18.51 -17.42
C GLY B 258 -12.56 -19.29 -16.13
N ASP B 259 -11.77 -20.36 -16.23
CA ASP B 259 -11.55 -21.28 -15.12
C ASP B 259 -10.29 -20.86 -14.35
N PHE B 260 -10.46 -20.46 -13.09
CA PHE B 260 -9.32 -20.10 -12.26
C PHE B 260 -9.74 -20.13 -10.80
N SER B 261 -8.77 -20.43 -9.94
CA SER B 261 -8.89 -20.40 -8.49
C SER B 261 -8.43 -19.04 -7.96
N PRO B 262 -8.90 -18.64 -6.77
CA PRO B 262 -8.40 -17.37 -6.19
C PRO B 262 -6.90 -17.30 -6.08
N THR B 263 -6.20 -18.44 -5.99
CA THR B 263 -4.73 -18.41 -5.98
C THR B 263 -4.18 -17.96 -7.32
N ASP B 264 -4.89 -18.24 -8.42
CA ASP B 264 -4.47 -17.79 -9.74
C ASP B 264 -4.54 -16.27 -9.89
N VAL B 265 -5.17 -15.57 -8.94
CA VAL B 265 -5.13 -14.11 -8.90
C VAL B 265 -3.83 -13.70 -8.22
N HIS B 266 -2.90 -13.14 -9.00
CA HIS B 266 -1.57 -12.80 -8.50
C HIS B 266 -1.56 -11.37 -7.98
N ARG B 267 -1.43 -11.22 -6.67
CA ARG B 267 -1.27 -9.94 -5.99
C ARG B 267 -2.22 -8.88 -6.53
N GLN B 268 -3.49 -9.29 -6.73
CA GLN B 268 -4.62 -8.46 -7.09
C GLN B 268 -4.52 -7.83 -8.48
N PHE B 269 -3.44 -8.04 -9.23
CA PHE B 269 -3.25 -7.30 -10.47
C PHE B 269 -3.09 -8.17 -11.71
N ALA B 270 -3.21 -9.49 -11.59
CA ALA B 270 -3.09 -10.36 -12.76
C ALA B 270 -3.82 -11.67 -12.48
N ILE B 271 -4.37 -12.25 -13.53
CA ILE B 271 -5.11 -13.51 -13.44
C ILE B 271 -4.64 -14.44 -14.55
N VAL B 272 -4.33 -15.68 -14.18
CA VAL B 272 -4.02 -16.74 -15.13
C VAL B 272 -5.21 -17.69 -15.14
N PHE B 273 -5.85 -17.84 -16.31
CA PHE B 273 -7.06 -18.64 -16.38
C PHE B 273 -7.04 -19.46 -17.66
N LYS B 274 -8.11 -20.23 -17.88
CA LYS B 274 -8.25 -21.08 -19.05
C LYS B 274 -9.58 -20.78 -19.72
N THR B 275 -9.55 -20.64 -21.05
CA THR B 275 -10.71 -20.22 -21.83
C THR B 275 -11.74 -21.35 -21.93
N PRO B 276 -13.03 -21.01 -21.97
CA PRO B 276 -14.07 -22.05 -22.00
C PRO B 276 -14.48 -22.44 -23.42
N LYS B 277 -15.66 -23.05 -23.53
CA LYS B 277 -16.16 -23.53 -24.82
C LYS B 277 -16.88 -22.43 -25.57
N TYR B 278 -17.91 -22.78 -26.36
CA TYR B 278 -18.54 -21.79 -27.21
C TYR B 278 -20.07 -21.90 -27.32
N LYS B 279 -20.62 -23.09 -27.55
CA LYS B 279 -20.13 -24.46 -27.64
C LYS B 279 -19.89 -24.93 -29.07
N ASP B 280 -18.75 -25.59 -29.27
CA ASP B 280 -18.39 -26.23 -30.53
C ASP B 280 -18.35 -25.27 -31.71
N VAL B 281 -18.13 -25.79 -32.91
CA VAL B 281 -18.02 -25.01 -34.12
C VAL B 281 -19.05 -25.52 -35.11
N ASN B 282 -20.09 -24.72 -35.34
CA ASN B 282 -21.01 -24.95 -36.46
C ASN B 282 -20.51 -24.22 -37.70
N ILE B 283 -20.46 -22.89 -37.63
CA ILE B 283 -19.81 -22.08 -38.66
C ILE B 283 -18.30 -22.22 -38.48
N THR B 284 -17.62 -22.79 -39.47
CA THR B 284 -16.19 -23.02 -39.37
C THR B 284 -15.40 -21.71 -39.35
N LYS B 285 -16.02 -20.61 -39.74
CA LYS B 285 -15.38 -19.32 -39.67
C LYS B 285 -15.23 -18.88 -38.22
N PRO B 286 -14.15 -18.18 -37.89
CA PRO B 286 -13.93 -17.76 -36.50
C PRO B 286 -14.98 -16.76 -36.04
N ALA B 287 -15.16 -16.71 -34.72
CA ALA B 287 -16.23 -15.93 -34.11
C ALA B 287 -15.65 -14.86 -33.19
N SER B 288 -16.29 -13.70 -33.18
CA SER B 288 -15.80 -12.54 -32.42
C SER B 288 -16.65 -12.38 -31.16
N VAL B 289 -16.22 -13.03 -30.08
CA VAL B 289 -16.89 -12.95 -28.79
C VAL B 289 -16.26 -11.79 -28.01
N PHE B 290 -16.79 -11.47 -26.83
CA PHE B 290 -16.19 -10.45 -25.99
C PHE B 290 -15.87 -11.04 -24.62
N VAL B 291 -14.90 -10.44 -23.95
CA VAL B 291 -14.48 -10.90 -22.63
C VAL B 291 -14.29 -9.69 -21.72
N GLN B 292 -14.67 -9.83 -20.45
CA GLN B 292 -14.60 -8.73 -19.52
C GLN B 292 -14.41 -9.27 -18.11
N LEU B 293 -14.07 -8.37 -17.19
CA LEU B 293 -14.00 -8.68 -15.77
C LEU B 293 -15.33 -8.32 -15.12
N ARG B 294 -15.79 -9.20 -14.22
CA ARG B 294 -17.06 -8.99 -13.52
C ARG B 294 -16.86 -9.21 -12.04
N ARG B 295 -17.30 -8.24 -11.24
CA ARG B 295 -17.24 -8.37 -9.79
C ARG B 295 -18.44 -9.16 -9.30
N LYS B 296 -18.20 -10.22 -8.52
CA LYS B 296 -19.29 -11.10 -8.10
C LYS B 296 -20.28 -10.39 -7.20
N SER B 297 -19.80 -9.48 -6.35
CA SER B 297 -20.64 -8.87 -5.34
C SER B 297 -21.70 -7.97 -5.96
N ASP B 298 -21.28 -6.92 -6.66
CA ASP B 298 -22.20 -5.93 -7.20
C ASP B 298 -22.47 -6.11 -8.69
N LEU B 299 -21.99 -7.20 -9.29
CA LEU B 299 -22.20 -7.48 -10.71
C LEU B 299 -21.73 -6.32 -11.59
N GLU B 300 -20.61 -5.72 -11.19
CA GLU B 300 -20.00 -4.65 -11.97
C GLU B 300 -19.04 -5.26 -12.99
N THR B 301 -19.07 -4.72 -14.20
CA THR B 301 -18.26 -5.22 -15.30
C THR B 301 -17.22 -4.19 -15.71
N SER B 302 -16.18 -4.68 -16.39
CA SER B 302 -15.16 -3.84 -16.97
C SER B 302 -15.52 -3.51 -18.42
N GLU B 303 -14.72 -2.66 -19.05
CA GLU B 303 -14.91 -2.41 -20.46
C GLU B 303 -14.62 -3.69 -21.25
N PRO B 304 -15.42 -4.00 -22.27
CA PRO B 304 -15.23 -5.27 -22.98
C PRO B 304 -13.93 -5.28 -23.78
N LYS B 305 -13.51 -6.51 -24.13
CA LYS B 305 -12.31 -6.74 -24.92
C LYS B 305 -12.64 -7.78 -25.97
N PRO B 306 -12.29 -7.53 -27.24
CA PRO B 306 -12.68 -8.45 -28.33
C PRO B 306 -11.81 -9.71 -28.35
N PHE B 307 -12.44 -10.85 -28.12
CA PHE B 307 -11.78 -12.15 -28.16
C PHE B 307 -12.27 -12.92 -29.39
N LEU B 308 -11.44 -13.85 -29.86
CA LEU B 308 -11.73 -14.60 -31.07
C LEU B 308 -11.69 -16.10 -30.80
N TYR B 309 -12.67 -16.81 -31.34
CA TYR B 309 -12.78 -18.25 -31.22
C TYR B 309 -12.52 -18.92 -32.57
N TYR B 310 -11.65 -19.94 -32.56
CA TYR B 310 -11.17 -20.73 -33.68
C TYR B 310 -11.77 -22.13 -33.66
N PRO B 311 -11.92 -22.77 -34.83
CA PRO B 311 -12.34 -24.18 -34.85
C PRO B 311 -11.15 -25.13 -34.77
N GLU B 312 -11.37 -26.38 -35.16
CA GLU B 312 -10.31 -27.38 -35.17
C GLU B 312 -9.31 -27.11 -36.29
#